data_4GC9
#
_entry.id   4GC9
#
_cell.length_a   47.700
_cell.length_b   101.680
_cell.length_c   211.710
_cell.angle_alpha   90.00
_cell.angle_beta   90.00
_cell.angle_gamma   90.00
#
_symmetry.space_group_name_H-M   'I 2 2 2'
#
loop_
_entity.id
_entity.type
_entity.pdbx_description
1 polymer 'Dimethyladenosine transferase 1, mitochondrial'
2 non-polymer S-ADENOSYLMETHIONINE
3 non-polymer 'ACETATE ION'
4 water water
#
_entity_poly.entity_id   1
_entity_poly.type   'polypeptide(L)'
_entity_poly.pdbx_seq_one_letter_code
;(MSE)AASGKLGTFRLPPLPTIREIIKLFGLRAVKQLSQNFLLDLRLTDKIVRKAGSLADVYVYEVGPGPGGITRSILNA
NVAELLVVEKDTRFIPGLQ(MSE)LSDAAPGKLRIVHGDVLTYKIEKAFPGNIRRQWEDDPPNVHIIGNLPFSVSTPLII
KWLENISLKDGPFVYGRTK(MSE)TLTFQKEVAERLVATTGSKQHSRLSI(MSE)AQYLCNVEHLFTIPGKAFVPKPKVD
VGVVHLTPLIEPKIKQPFKLVEKVVQNAFQFRRKYCHRGLG(MSE)LFPEAQRLESTGRLLQLADIDPTLRPTHLSL
(MSE)HFKSLCDVYRK(MSE)CDEDPQLFTYNFREELKQKKSKGQEKDGDPESCGF
;
_entity_poly.pdbx_strand_id   A
#
loop_
_chem_comp.id
_chem_comp.type
_chem_comp.name
_chem_comp.formula
ACT non-polymer 'ACETATE ION' 'C2 H3 O2 -1'
SAM non-polymer S-ADENOSYLMETHIONINE 'C15 H22 N6 O5 S'
#
# COMPACT_ATOMS: atom_id res chain seq x y z
N PHE A 10 22.01 -39.72 39.23
CA PHE A 10 21.58 -39.83 37.84
C PHE A 10 22.34 -38.84 36.95
N ARG A 11 22.56 -39.22 35.70
CA ARG A 11 23.25 -38.37 34.74
C ARG A 11 22.27 -37.40 34.08
N LEU A 12 22.46 -36.11 34.35
CA LEU A 12 21.58 -35.08 33.80
C LEU A 12 22.27 -34.30 32.69
N PRO A 13 21.49 -33.82 31.70
CA PRO A 13 22.03 -33.03 30.59
C PRO A 13 22.80 -31.82 31.09
N PRO A 14 23.86 -31.42 30.36
CA PRO A 14 24.66 -30.26 30.75
C PRO A 14 23.83 -28.98 30.72
N LEU A 15 24.26 -27.97 31.47
CA LEU A 15 23.62 -26.67 31.42
C LEU A 15 23.85 -26.02 30.06
N PRO A 16 22.89 -25.21 29.60
CA PRO A 16 23.13 -24.42 28.39
C PRO A 16 24.08 -23.26 28.69
N THR A 17 25.01 -23.00 27.79
CA THR A 17 25.93 -21.88 27.95
C THR A 17 25.19 -20.58 27.66
N ILE A 18 25.84 -19.45 27.93
CA ILE A 18 25.23 -18.16 27.67
C ILE A 18 25.03 -17.99 26.16
N ARG A 19 25.98 -18.50 25.38
CA ARG A 19 25.88 -18.48 23.92
C ARG A 19 24.61 -19.18 23.48
N GLU A 20 24.30 -20.30 24.13
CA GLU A 20 23.11 -21.08 23.79
C GLU A 20 21.83 -20.41 24.31
N ILE A 21 21.93 -19.78 25.48
CA ILE A 21 20.80 -19.06 26.04
C ILE A 21 20.47 -17.81 25.21
N ILE A 22 21.51 -17.04 24.89
CA ILE A 22 21.35 -15.87 24.04
C ILE A 22 20.80 -16.27 22.66
N LYS A 23 21.24 -17.41 22.16
CA LYS A 23 20.77 -17.94 20.89
C LYS A 23 19.30 -18.34 20.97
N LEU A 24 18.92 -18.99 22.07
CA LEU A 24 17.54 -19.43 22.26
C LEU A 24 16.59 -18.24 22.37
N PHE A 25 17.07 -17.16 22.97
CA PHE A 25 16.28 -15.93 23.08
C PHE A 25 16.26 -15.17 21.75
N GLY A 26 17.42 -15.08 21.12
CA GLY A 26 17.55 -14.33 19.88
C GLY A 26 16.74 -14.87 18.74
N LEU A 27 16.88 -16.16 18.46
CA LEU A 27 16.18 -16.80 17.36
C LEU A 27 14.66 -16.72 17.54
N ARG A 28 14.23 -16.73 18.79
CA ARG A 28 12.80 -16.65 19.10
C ARG A 28 12.31 -15.20 19.08
N ALA A 29 13.23 -14.27 19.32
CA ALA A 29 12.89 -12.85 19.26
C ALA A 29 12.71 -12.40 17.82
N VAL A 30 13.47 -13.01 16.92
CA VAL A 30 13.37 -12.71 15.49
C VAL A 30 12.05 -13.20 14.93
N LYS A 31 11.65 -14.41 15.31
CA LYS A 31 10.40 -14.99 14.85
C LYS A 31 9.21 -14.26 15.46
N GLN A 32 9.44 -13.59 16.59
CA GLN A 32 8.37 -12.94 17.34
C GLN A 32 7.69 -11.78 16.60
N LEU A 33 8.45 -11.06 15.78
CA LEU A 33 7.88 -9.91 15.08
C LEU A 33 7.46 -10.18 13.63
N SER A 34 7.60 -11.43 13.21
CA SER A 34 7.11 -11.90 11.92
C SER A 34 7.57 -11.05 10.74
N GLN A 35 8.88 -11.03 10.51
CA GLN A 35 9.44 -10.19 9.45
C GLN A 35 10.27 -11.02 8.47
N ASN A 36 10.64 -10.40 7.35
CA ASN A 36 11.43 -11.09 6.33
C ASN A 36 12.62 -10.22 5.91
N PHE A 37 13.79 -10.45 6.49
CA PHE A 37 14.97 -9.68 6.17
C PHE A 37 15.56 -10.05 4.81
N LEU A 38 15.91 -9.03 4.03
CA LEU A 38 16.53 -9.22 2.73
C LEU A 38 18.01 -8.92 2.82
N LEU A 39 18.81 -9.97 3.04
CA LEU A 39 20.24 -9.80 3.24
C LEU A 39 21.04 -9.89 1.95
N ASP A 40 20.35 -10.18 0.85
CA ASP A 40 21.00 -10.27 -0.45
C ASP A 40 21.17 -8.89 -1.05
N LEU A 41 22.38 -8.33 -0.98
CA LEU A 41 22.65 -7.01 -1.52
C LEU A 41 22.50 -6.95 -3.03
N ARG A 42 22.54 -8.11 -3.68
CA ARG A 42 22.32 -8.17 -5.12
C ARG A 42 20.83 -7.99 -5.42
N LEU A 43 19.99 -8.47 -4.53
CA LEU A 43 18.55 -8.32 -4.68
C LEU A 43 18.09 -6.90 -4.33
N THR A 44 18.65 -6.34 -3.27
CA THR A 44 18.31 -4.98 -2.88
C THR A 44 18.82 -3.99 -3.93
N ASP A 45 19.90 -4.35 -4.61
CA ASP A 45 20.39 -3.58 -5.76
C ASP A 45 19.36 -3.64 -6.88
N LYS A 46 18.75 -4.80 -7.06
CA LYS A 46 17.78 -5.01 -8.13
C LYS A 46 16.49 -4.24 -7.89
N ILE A 47 16.04 -4.21 -6.64
CA ILE A 47 14.85 -3.44 -6.27
C ILE A 47 15.08 -1.97 -6.59
N VAL A 48 16.23 -1.46 -6.16
CA VAL A 48 16.60 -0.06 -6.41
C VAL A 48 16.73 0.21 -7.91
N ARG A 49 17.33 -0.72 -8.63
CA ARG A 49 17.51 -0.61 -10.08
CA ARG A 49 17.51 -0.59 -10.07
C ARG A 49 16.16 -0.52 -10.79
N LYS A 50 15.26 -1.41 -10.41
CA LYS A 50 13.93 -1.49 -11.03
C LYS A 50 13.04 -0.30 -10.67
N ALA A 51 13.38 0.40 -9.59
CA ALA A 51 12.59 1.53 -9.14
C ALA A 51 12.78 2.75 -10.02
N GLY A 52 13.85 2.72 -10.83
CA GLY A 52 14.19 3.86 -11.67
C GLY A 52 15.40 4.58 -11.11
N SER A 53 15.76 5.70 -11.73
CA SER A 53 16.93 6.46 -11.31
C SER A 53 16.66 7.25 -10.04
N LEU A 54 17.47 7.02 -9.02
CA LEU A 54 17.36 7.75 -7.76
C LEU A 54 18.39 8.88 -7.70
N ALA A 55 18.95 9.22 -8.86
CA ALA A 55 19.95 10.28 -8.94
C ALA A 55 19.34 11.63 -8.58
N ASP A 56 19.96 12.29 -7.60
CA ASP A 56 19.50 13.59 -7.10
C ASP A 56 18.09 13.55 -6.53
N VAL A 57 17.61 12.35 -6.22
CA VAL A 57 16.27 12.17 -5.68
C VAL A 57 16.31 12.11 -4.15
N TYR A 58 15.36 12.77 -3.51
CA TYR A 58 15.20 12.70 -2.07
C TYR A 58 14.40 11.44 -1.72
N VAL A 59 15.07 10.46 -1.13
CA VAL A 59 14.45 9.16 -0.90
C VAL A 59 13.99 8.94 0.55
N TYR A 60 12.75 8.47 0.69
CA TYR A 60 12.21 8.10 1.99
C TYR A 60 12.08 6.58 2.05
N GLU A 61 12.89 5.94 2.88
CA GLU A 61 12.80 4.50 3.05
C GLU A 61 12.05 4.11 4.32
N VAL A 62 11.08 3.22 4.17
CA VAL A 62 10.23 2.82 5.28
C VAL A 62 10.65 1.46 5.86
N GLY A 63 10.96 1.45 7.16
CA GLY A 63 11.40 0.26 7.85
C GLY A 63 12.67 -0.37 7.26
N PRO A 64 13.80 0.33 7.38
CA PRO A 64 15.06 -0.12 6.76
C PRO A 64 15.66 -1.38 7.38
N GLY A 65 15.37 -1.63 8.65
CA GLY A 65 15.88 -2.81 9.34
C GLY A 65 17.39 -2.88 9.35
N PRO A 66 17.95 -4.04 8.93
CA PRO A 66 19.40 -4.24 8.85
C PRO A 66 20.07 -3.24 7.93
N GLY A 67 19.33 -2.76 6.93
CA GLY A 67 19.84 -1.73 6.03
C GLY A 67 20.28 -2.24 4.68
N GLY A 68 19.67 -3.33 4.22
CA GLY A 68 19.98 -3.89 2.92
C GLY A 68 19.66 -2.94 1.78
N ILE A 69 18.40 -2.52 1.72
CA ILE A 69 17.95 -1.58 0.70
C ILE A 69 18.59 -0.21 0.94
N THR A 70 18.81 0.12 2.21
CA THR A 70 19.42 1.38 2.59
C THR A 70 20.80 1.54 1.94
N ARG A 71 21.58 0.47 1.95
CA ARG A 71 22.89 0.46 1.32
C ARG A 71 22.77 0.64 -0.19
N SER A 72 21.85 -0.08 -0.80
CA SER A 72 21.65 -0.02 -2.24
C SER A 72 21.17 1.36 -2.69
N ILE A 73 20.36 2.01 -1.86
CA ILE A 73 19.90 3.36 -2.13
C ILE A 73 21.06 4.35 -2.05
N LEU A 74 21.87 4.21 -1.00
CA LEU A 74 23.00 5.10 -0.77
C LEU A 74 24.05 5.04 -1.87
N ASN A 75 24.08 3.92 -2.61
CA ASN A 75 25.02 3.77 -3.71
C ASN A 75 24.43 4.18 -5.06
N ALA A 76 23.44 5.07 -5.04
CA ALA A 76 22.72 5.42 -6.26
C ALA A 76 22.57 6.91 -6.51
N ASN A 77 23.66 7.66 -6.30
CA ASN A 77 23.68 9.10 -6.56
C ASN A 77 22.55 9.87 -5.86
N VAL A 78 22.12 9.34 -4.72
CA VAL A 78 21.01 9.92 -3.98
C VAL A 78 21.39 11.29 -3.41
N ALA A 79 20.48 12.25 -3.54
CA ALA A 79 20.70 13.59 -3.00
C ALA A 79 20.58 13.56 -1.49
N GLU A 80 19.68 12.71 -1.00
CA GLU A 80 19.41 12.60 0.42
C GLU A 80 18.56 11.37 0.70
N LEU A 81 18.76 10.75 1.85
CA LEU A 81 17.99 9.57 2.22
C LEU A 81 17.51 9.63 3.67
N LEU A 82 16.20 9.73 3.85
CA LEU A 82 15.60 9.68 5.17
C LEU A 82 14.96 8.33 5.42
N VAL A 83 15.30 7.72 6.55
CA VAL A 83 14.69 6.44 6.92
C VAL A 83 13.94 6.56 8.24
N VAL A 84 12.83 5.84 8.34
CA VAL A 84 12.04 5.80 9.57
C VAL A 84 11.97 4.37 10.08
N GLU A 85 12.56 4.13 11.24
CA GLU A 85 12.70 2.78 11.78
C GLU A 85 12.01 2.67 13.14
N LYS A 86 11.15 1.66 13.28
CA LYS A 86 10.36 1.50 14.50
C LYS A 86 11.13 0.74 15.58
N ASP A 87 11.92 -0.24 15.17
CA ASP A 87 12.68 -1.05 16.12
C ASP A 87 14.01 -0.39 16.43
N THR A 88 14.22 -0.08 17.70
CA THR A 88 15.43 0.64 18.13
C THR A 88 16.67 -0.25 18.09
N ARG A 89 16.45 -1.55 17.87
CA ARG A 89 17.55 -2.51 17.83
C ARG A 89 18.37 -2.42 16.54
N PHE A 90 17.76 -1.89 15.48
CA PHE A 90 18.46 -1.71 14.22
C PHE A 90 19.04 -0.31 14.08
N ILE A 91 18.66 0.57 15.01
CA ILE A 91 19.14 1.95 15.01
C ILE A 91 20.68 2.11 15.08
N PRO A 92 21.36 1.36 15.97
CA PRO A 92 22.82 1.51 16.02
C PRO A 92 23.52 1.21 14.70
N GLY A 93 23.13 0.14 14.02
CA GLY A 93 23.72 -0.24 12.75
C GLY A 93 23.44 0.76 11.65
N LEU A 94 22.27 1.39 11.71
CA LEU A 94 21.91 2.41 10.74
C LEU A 94 22.77 3.65 10.96
N GLN A 95 23.01 3.97 12.23
CA GLN A 95 23.89 5.10 12.58
C GLN A 95 25.30 4.84 12.07
N MSE A 96 25.72 3.58 12.14
CA MSE A 96 27.02 3.17 11.63
CA MSE A 96 27.03 3.20 11.63
C MSE A 96 27.08 3.39 10.12
O MSE A 96 28.11 3.78 9.57
CB MSE A 96 27.25 1.69 11.94
CB MSE A 96 27.34 1.74 12.00
CG MSE A 96 28.52 1.11 11.34
CG MSE A 96 28.79 1.50 12.37
SE MSE A 96 28.48 -0.84 11.28
SE MSE A 96 29.30 2.45 13.99
CE MSE A 96 27.95 -1.20 13.12
CE MSE A 96 31.20 2.02 14.02
N LEU A 97 25.96 3.13 9.46
CA LEU A 97 25.87 3.28 8.01
C LEU A 97 25.92 4.75 7.62
N SER A 98 25.33 5.60 8.45
CA SER A 98 25.34 7.04 8.21
C SER A 98 26.75 7.59 8.34
N ASP A 99 27.55 6.98 9.22
CA ASP A 99 28.92 7.40 9.45
C ASP A 99 29.79 7.14 8.21
N ALA A 100 29.45 6.11 7.46
CA ALA A 100 30.20 5.77 6.25
C ALA A 100 29.81 6.66 5.08
N ALA A 101 28.64 7.30 5.19
CA ALA A 101 28.15 8.21 4.16
C ALA A 101 27.90 9.59 4.74
N PRO A 102 28.94 10.45 4.74
CA PRO A 102 28.88 11.80 5.29
C PRO A 102 27.76 12.65 4.70
N GLY A 103 26.77 12.97 5.53
CA GLY A 103 25.70 13.89 5.15
C GLY A 103 24.72 13.35 4.12
N LYS A 104 24.55 12.03 4.08
CA LYS A 104 23.64 11.43 3.11
C LYS A 104 22.47 10.70 3.76
N LEU A 105 22.60 10.40 5.05
CA LEU A 105 21.59 9.60 5.73
C LEU A 105 21.00 10.28 6.96
N ARG A 106 19.68 10.24 7.08
CA ARG A 106 18.97 10.75 8.26
C ARG A 106 18.14 9.63 8.87
N ILE A 107 18.15 9.53 10.19
CA ILE A 107 17.49 8.41 10.86
C ILE A 107 16.46 8.86 11.89
N VAL A 108 15.26 8.28 11.81
CA VAL A 108 14.18 8.59 12.74
C VAL A 108 13.63 7.32 13.37
N HIS A 109 13.52 7.33 14.69
CA HIS A 109 12.89 6.22 15.42
C HIS A 109 11.40 6.45 15.51
N GLY A 110 10.66 6.09 14.46
CA GLY A 110 9.23 6.34 14.42
C GLY A 110 8.41 5.26 13.73
N ASP A 111 7.10 5.47 13.73
CA ASP A 111 6.16 4.57 13.06
C ASP A 111 5.78 5.18 11.71
N VAL A 112 5.96 4.41 10.65
CA VAL A 112 5.67 4.87 9.30
C VAL A 112 4.20 5.17 9.09
N LEU A 113 3.35 4.52 9.89
CA LEU A 113 1.91 4.69 9.78
C LEU A 113 1.44 6.04 10.30
N THR A 114 2.31 6.73 11.03
CA THR A 114 1.94 8.00 11.64
C THR A 114 2.92 9.14 11.36
N TYR A 115 4.14 8.81 10.95
CA TYR A 115 5.17 9.82 10.74
C TYR A 115 4.89 10.68 9.50
N LYS A 116 4.97 12.00 9.67
CA LYS A 116 4.71 12.94 8.58
C LYS A 116 6.01 13.40 7.92
N ILE A 117 6.04 13.33 6.60
CA ILE A 117 7.23 13.77 5.85
C ILE A 117 6.95 15.02 5.02
N GLU A 118 5.89 15.74 5.38
CA GLU A 118 5.50 16.96 4.67
C GLU A 118 6.63 17.98 4.58
N LYS A 119 7.42 18.08 5.64
CA LYS A 119 8.49 19.07 5.70
C LYS A 119 9.86 18.44 5.89
N ALA A 120 9.95 17.14 5.63
CA ALA A 120 11.21 16.41 5.76
C ALA A 120 12.20 16.82 4.68
N PHE A 121 11.67 17.34 3.57
CA PHE A 121 12.49 17.77 2.45
C PHE A 121 12.18 19.24 2.11
N PRO A 122 13.12 19.94 1.47
CA PRO A 122 12.92 21.35 1.12
C PRO A 122 11.69 21.55 0.24
N GLY A 123 10.92 22.60 0.52
CA GLY A 123 9.69 22.88 -0.19
C GLY A 123 9.89 23.23 -1.67
N ASN A 124 11.12 23.53 -2.04
CA ASN A 124 11.42 23.93 -3.42
C ASN A 124 11.36 22.77 -4.42
N ILE A 125 11.48 21.54 -3.92
CA ILE A 125 11.41 20.37 -4.79
C ILE A 125 9.98 19.94 -5.05
N ARG A 126 9.04 20.60 -4.40
CA ARG A 126 7.62 20.34 -4.62
C ARG A 126 7.23 20.72 -6.05
N ARG A 127 6.34 19.93 -6.64
CA ARG A 127 5.90 20.17 -8.01
C ARG A 127 4.38 20.20 -8.11
N GLN A 128 3.88 20.81 -9.18
CA GLN A 128 2.45 20.83 -9.45
C GLN A 128 1.96 19.40 -9.67
N TRP A 129 0.67 19.18 -9.50
CA TRP A 129 0.13 17.83 -9.66
C TRP A 129 0.22 17.37 -11.11
N GLU A 130 -0.04 18.29 -12.04
CA GLU A 130 -0.01 17.99 -13.46
C GLU A 130 1.41 18.03 -14.02
N ASP A 131 2.36 18.36 -13.16
CA ASP A 131 3.77 18.41 -13.52
C ASP A 131 4.33 16.98 -13.58
N ASP A 132 5.61 16.87 -13.90
CA ASP A 132 6.30 15.58 -13.79
C ASP A 132 6.43 15.25 -12.30
N PRO A 133 6.56 13.95 -11.98
CA PRO A 133 6.77 13.54 -10.59
C PRO A 133 8.00 14.22 -9.98
N PRO A 134 7.90 14.64 -8.70
CA PRO A 134 8.97 15.38 -8.04
C PRO A 134 10.18 14.51 -7.75
N ASN A 135 11.24 15.11 -7.25
CA ASN A 135 12.44 14.36 -6.87
C ASN A 135 12.32 13.72 -5.49
N VAL A 136 11.15 13.17 -5.22
CA VAL A 136 10.90 12.40 -4.00
C VAL A 136 10.49 11.00 -4.40
N HIS A 137 11.05 10.00 -3.72
CA HIS A 137 10.74 8.62 -4.02
C HIS A 137 10.63 7.81 -2.74
N ILE A 138 9.54 7.06 -2.60
CA ILE A 138 9.33 6.21 -1.43
C ILE A 138 9.64 4.76 -1.77
N ILE A 139 10.61 4.19 -1.06
CA ILE A 139 10.99 2.80 -1.27
C ILE A 139 10.94 2.08 0.07
N GLY A 140 10.57 0.80 0.07
CA GLY A 140 10.55 0.06 1.31
C GLY A 140 10.12 -1.39 1.21
N ASN A 141 10.75 -2.23 2.02
CA ASN A 141 10.32 -3.60 2.21
C ASN A 141 9.84 -3.77 3.65
N LEU A 142 8.53 -3.79 3.84
CA LEU A 142 7.95 -3.83 5.17
C LEU A 142 7.31 -5.18 5.45
N PRO A 143 7.06 -5.49 6.73
CA PRO A 143 6.26 -6.67 7.05
C PRO A 143 4.86 -6.55 6.44
N PHE A 144 4.26 -7.68 6.11
CA PHE A 144 2.99 -7.70 5.39
C PHE A 144 1.87 -7.02 6.17
N SER A 145 1.96 -7.04 7.49
CA SER A 145 0.95 -6.43 8.34
C SER A 145 1.03 -4.91 8.33
N VAL A 146 2.16 -4.38 7.86
CA VAL A 146 2.38 -2.93 7.85
C VAL A 146 2.22 -2.34 6.45
N SER A 147 2.66 -3.09 5.45
CA SER A 147 2.63 -2.62 4.05
C SER A 147 1.22 -2.42 3.52
N THR A 148 0.32 -3.35 3.86
CA THR A 148 -1.08 -3.27 3.40
C THR A 148 -1.85 -2.04 3.92
N PRO A 149 -1.83 -1.78 5.24
CA PRO A 149 -2.55 -0.58 5.68
C PRO A 149 -1.83 0.71 5.29
N LEU A 150 -0.53 0.63 5.04
CA LEU A 150 0.24 1.81 4.67
C LEU A 150 -0.15 2.32 3.28
N ILE A 151 -0.30 1.40 2.33
CA ILE A 151 -0.68 1.78 0.98
C ILE A 151 -2.11 2.32 0.95
N ILE A 152 -2.98 1.75 1.79
CA ILE A 152 -4.35 2.21 1.89
C ILE A 152 -4.41 3.62 2.47
N LYS A 153 -3.55 3.87 3.46
CA LYS A 153 -3.39 5.22 4.01
C LYS A 153 -2.88 6.16 2.93
N TRP A 154 -1.87 5.72 2.19
CA TRP A 154 -1.24 6.55 1.18
C TRP A 154 -2.13 6.79 -0.03
N LEU A 155 -2.94 5.81 -0.39
CA LEU A 155 -3.91 5.99 -1.46
C LEU A 155 -4.89 7.10 -1.13
N GLU A 156 -5.30 7.16 0.14
CA GLU A 156 -6.17 8.23 0.61
C GLU A 156 -5.46 9.58 0.56
N ASN A 157 -4.16 9.57 0.86
CA ASN A 157 -3.35 10.79 0.77
C ASN A 157 -3.24 11.29 -0.66
N ILE A 158 -3.16 10.37 -1.61
CA ILE A 158 -3.14 10.71 -3.03
C ILE A 158 -4.46 11.35 -3.44
N SER A 159 -5.55 10.79 -2.92
CA SER A 159 -6.88 11.35 -3.16
C SER A 159 -6.97 12.79 -2.66
N LEU A 160 -6.43 13.02 -1.47
CA LEU A 160 -6.45 14.34 -0.84
C LEU A 160 -5.31 15.21 -1.34
N LYS A 161 -4.34 14.60 -2.01
CA LYS A 161 -3.14 15.28 -2.47
C LYS A 161 -2.37 15.94 -1.31
N ASP A 162 -2.29 15.22 -0.20
CA ASP A 162 -1.54 15.67 0.96
C ASP A 162 -0.57 14.58 1.41
N GLY A 163 -0.08 14.69 2.65
CA GLY A 163 0.87 13.73 3.17
C GLY A 163 2.15 13.72 2.35
N PRO A 164 2.59 12.53 1.93
CA PRO A 164 3.78 12.39 1.08
C PRO A 164 3.59 13.04 -0.28
N PHE A 165 2.35 13.44 -0.58
CA PHE A 165 2.01 13.91 -1.91
C PHE A 165 1.74 15.41 -1.96
N VAL A 166 2.26 16.12 -0.96
CA VAL A 166 2.32 17.58 -1.01
C VAL A 166 3.47 18.00 -1.92
N TYR A 167 4.36 17.06 -2.20
CA TYR A 167 5.50 17.29 -3.08
C TYR A 167 5.07 17.11 -4.54
N GLY A 168 3.89 16.53 -4.73
CA GLY A 168 3.39 16.24 -6.06
C GLY A 168 3.07 14.78 -6.20
N ARG A 169 3.30 14.23 -7.38
CA ARG A 169 3.02 12.82 -7.65
C ARG A 169 4.25 11.96 -7.38
N THR A 170 4.63 11.86 -6.11
CA THR A 170 5.82 11.10 -5.72
C THR A 170 5.65 9.62 -5.98
N LYS A 171 6.73 8.96 -6.38
CA LYS A 171 6.69 7.55 -6.74
C LYS A 171 6.83 6.66 -5.51
N MSE A 172 6.28 5.44 -5.61
CA MSE A 172 6.41 4.45 -4.56
C MSE A 172 6.93 3.15 -5.15
O MSE A 172 6.45 2.70 -6.20
CB MSE A 172 5.06 4.19 -3.89
CG MSE A 172 4.56 5.33 -3.02
SE MSE A 172 2.62 5.34 -3.00
CE MSE A 172 2.32 6.17 -4.75
N THR A 173 7.91 2.55 -4.49
CA THR A 173 8.37 1.22 -4.84
C THR A 173 8.39 0.38 -3.58
N LEU A 174 7.38 -0.48 -3.43
CA LEU A 174 7.19 -1.21 -2.19
C LEU A 174 7.07 -2.71 -2.43
N THR A 175 7.40 -3.48 -1.41
CA THR A 175 7.20 -4.92 -1.48
C THR A 175 5.88 -5.29 -0.81
N PHE A 176 5.16 -6.22 -1.41
CA PHE A 176 3.95 -6.76 -0.83
C PHE A 176 4.00 -8.28 -0.96
N GLN A 177 3.22 -8.98 -0.15
CA GLN A 177 3.06 -10.42 -0.33
C GLN A 177 2.49 -10.66 -1.72
N LYS A 178 2.91 -11.76 -2.33
CA LYS A 178 2.59 -12.09 -3.73
C LYS A 178 1.12 -11.84 -4.10
N GLU A 179 0.21 -12.36 -3.28
CA GLU A 179 -1.22 -12.26 -3.55
C GLU A 179 -1.71 -10.82 -3.53
N VAL A 180 -1.19 -10.02 -2.60
CA VAL A 180 -1.56 -8.60 -2.51
C VAL A 180 -1.04 -7.82 -3.71
N ALA A 181 0.20 -8.12 -4.10
CA ALA A 181 0.80 -7.51 -5.28
C ALA A 181 -0.01 -7.85 -6.53
N GLU A 182 -0.54 -9.07 -6.56
CA GLU A 182 -1.37 -9.52 -7.69
C GLU A 182 -2.66 -8.71 -7.79
N ARG A 183 -3.35 -8.58 -6.66
CA ARG A 183 -4.62 -7.84 -6.62
C ARG A 183 -4.43 -6.39 -7.03
N LEU A 184 -3.33 -5.78 -6.59
CA LEU A 184 -3.03 -4.38 -6.89
C LEU A 184 -3.00 -4.10 -8.39
N VAL A 185 -2.47 -5.04 -9.16
CA VAL A 185 -2.29 -4.85 -10.60
C VAL A 185 -3.30 -5.61 -11.44
N ALA A 186 -4.16 -6.37 -10.77
CA ALA A 186 -5.12 -7.23 -11.46
C ALA A 186 -6.09 -6.45 -12.35
N THR A 187 -6.30 -6.93 -13.57
CA THR A 187 -7.25 -6.32 -14.48
C THR A 187 -8.61 -6.98 -14.34
N THR A 188 -9.64 -6.36 -14.92
CA THR A 188 -11.00 -6.86 -14.79
C THR A 188 -11.19 -8.21 -15.48
N GLY A 189 -11.89 -9.11 -14.80
CA GLY A 189 -12.09 -10.47 -15.31
C GLY A 189 -11.27 -11.47 -14.52
N SER A 190 -10.14 -11.02 -14.01
CA SER A 190 -9.24 -11.86 -13.22
C SER A 190 -9.83 -12.22 -11.86
N LYS A 191 -9.39 -13.34 -11.31
CA LYS A 191 -9.86 -13.80 -10.01
C LYS A 191 -9.31 -12.92 -8.89
N GLN A 192 -8.19 -12.28 -9.15
CA GLN A 192 -7.53 -11.42 -8.16
CA GLN A 192 -7.57 -11.43 -8.13
C GLN A 192 -8.06 -9.99 -8.22
N HIS A 193 -8.92 -9.72 -9.20
CA HIS A 193 -9.50 -8.39 -9.33
C HIS A 193 -10.44 -8.13 -8.17
N SER A 194 -10.04 -7.22 -7.28
CA SER A 194 -10.80 -6.97 -6.07
C SER A 194 -10.71 -5.50 -5.62
N ARG A 195 -10.91 -5.28 -4.32
CA ARG A 195 -10.92 -3.93 -3.76
C ARG A 195 -9.63 -3.16 -4.07
N LEU A 196 -8.50 -3.75 -3.69
CA LEU A 196 -7.19 -3.12 -3.89
C LEU A 196 -6.93 -2.76 -5.35
N SER A 197 -7.45 -3.59 -6.25
CA SER A 197 -7.32 -3.34 -7.69
C SER A 197 -7.90 -1.97 -8.03
N ILE A 198 -9.15 -1.75 -7.66
CA ILE A 198 -9.81 -0.48 -7.93
C ILE A 198 -9.21 0.67 -7.13
N MSE A 199 -9.01 0.46 -5.84
CA MSE A 199 -8.51 1.52 -4.94
C MSE A 199 -7.15 2.06 -5.38
O MSE A 199 -6.88 3.25 -5.24
CB MSE A 199 -8.42 1.03 -3.50
CG MSE A 199 -9.76 0.59 -2.90
SE MSE A 199 -11.20 1.87 -3.14
CE MSE A 199 -10.58 3.23 -1.89
N ALA A 200 -6.30 1.19 -5.92
CA ALA A 200 -4.98 1.60 -6.35
C ALA A 200 -5.00 2.18 -7.78
N GLN A 201 -5.72 1.51 -8.67
CA GLN A 201 -5.69 1.86 -10.09
C GLN A 201 -6.50 3.12 -10.46
N TYR A 202 -7.48 3.47 -9.64
CA TYR A 202 -8.25 4.68 -9.90
C TYR A 202 -7.48 5.92 -9.49
N LEU A 203 -6.40 5.71 -8.73
CA LEU A 203 -5.57 6.82 -8.25
C LEU A 203 -4.14 6.75 -8.78
N CYS A 204 -3.68 5.55 -9.14
CA CYS A 204 -2.30 5.36 -9.55
C CYS A 204 -2.14 4.55 -10.83
N ASN A 205 -0.99 4.73 -11.47
CA ASN A 205 -0.52 3.78 -12.46
C ASN A 205 0.30 2.74 -11.71
N VAL A 206 -0.14 1.48 -11.77
CA VAL A 206 0.45 0.43 -10.95
C VAL A 206 1.16 -0.62 -11.79
N GLU A 207 2.44 -0.84 -11.49
CA GLU A 207 3.25 -1.81 -12.23
C GLU A 207 3.87 -2.84 -11.31
N HIS A 208 3.63 -4.11 -11.60
CA HIS A 208 4.29 -5.20 -10.89
C HIS A 208 5.67 -5.42 -11.52
N LEU A 209 6.71 -4.90 -10.86
CA LEU A 209 8.06 -4.96 -11.39
C LEU A 209 8.58 -6.40 -11.52
N PHE A 210 8.65 -7.10 -10.40
CA PHE A 210 9.05 -8.51 -10.39
C PHE A 210 8.69 -9.18 -9.06
N THR A 211 8.86 -10.49 -9.00
CA THR A 211 8.52 -11.25 -7.80
C THR A 211 9.74 -11.96 -7.21
N ILE A 212 10.07 -11.65 -5.96
CA ILE A 212 11.15 -12.32 -5.26
C ILE A 212 10.62 -13.56 -4.57
N PRO A 213 11.26 -14.72 -4.84
CA PRO A 213 10.87 -15.96 -4.16
C PRO A 213 11.13 -15.86 -2.66
N GLY A 214 10.35 -16.59 -1.86
CA GLY A 214 10.45 -16.52 -0.42
C GLY A 214 11.76 -17.05 0.13
N LYS A 215 12.44 -17.88 -0.65
CA LYS A 215 13.70 -18.49 -0.24
C LYS A 215 14.79 -17.44 0.02
N ALA A 216 14.63 -16.27 -0.57
CA ALA A 216 15.65 -15.22 -0.50
C ALA A 216 15.55 -14.39 0.78
N PHE A 217 14.50 -14.61 1.56
CA PHE A 217 14.29 -13.86 2.79
C PHE A 217 14.66 -14.65 4.03
N VAL A 218 15.15 -13.95 5.05
CA VAL A 218 15.47 -14.59 6.32
C VAL A 218 14.71 -13.93 7.47
N PRO A 219 13.90 -14.70 8.21
CA PRO A 219 13.66 -16.13 7.98
C PRO A 219 12.73 -16.35 6.78
N LYS A 220 12.57 -17.61 6.38
CA LYS A 220 11.77 -17.94 5.21
C LYS A 220 10.27 -17.76 5.46
N PRO A 221 9.65 -16.85 4.71
CA PRO A 221 8.20 -16.65 4.78
C PRO A 221 7.46 -17.77 4.06
N LYS A 222 6.17 -17.88 4.30
CA LYS A 222 5.36 -18.95 3.70
C LYS A 222 4.98 -18.61 2.26
N VAL A 223 5.22 -17.37 1.85
CA VAL A 223 4.86 -16.92 0.52
C VAL A 223 5.97 -16.16 -0.18
N ASP A 224 5.78 -15.92 -1.47
CA ASP A 224 6.71 -15.11 -2.26
C ASP A 224 6.37 -13.64 -2.07
N VAL A 225 7.30 -12.77 -2.45
CA VAL A 225 7.12 -11.33 -2.27
C VAL A 225 7.12 -10.58 -3.59
N GLY A 226 6.06 -9.82 -3.84
CA GLY A 226 5.96 -9.04 -5.05
C GLY A 226 6.47 -7.62 -4.88
N VAL A 227 7.21 -7.13 -5.87
CA VAL A 227 7.70 -5.76 -5.85
C VAL A 227 6.86 -4.91 -6.79
N VAL A 228 6.20 -3.89 -6.23
CA VAL A 228 5.26 -3.08 -6.98
C VAL A 228 5.68 -1.61 -7.04
N HIS A 229 5.55 -1.03 -8.23
CA HIS A 229 5.85 0.39 -8.43
C HIS A 229 4.55 1.17 -8.64
N LEU A 230 4.36 2.25 -7.88
CA LEU A 230 3.17 3.07 -8.00
C LEU A 230 3.49 4.53 -8.31
N THR A 231 2.70 5.12 -9.20
CA THR A 231 2.83 6.54 -9.53
C THR A 231 1.43 7.15 -9.63
N PRO A 232 1.14 8.17 -8.81
CA PRO A 232 -0.16 8.83 -8.80
C PRO A 232 -0.53 9.39 -10.17
N LEU A 233 -1.81 9.35 -10.51
CA LEU A 233 -2.28 9.83 -11.81
C LEU A 233 -2.49 11.34 -11.79
N ILE A 234 -2.24 11.99 -12.93
CA ILE A 234 -2.54 13.40 -13.06
C ILE A 234 -4.04 13.61 -12.94
N GLU A 235 -4.81 12.72 -13.58
CA GLU A 235 -6.26 12.76 -13.48
CA GLU A 235 -6.27 12.75 -13.49
C GLU A 235 -6.80 11.42 -12.98
N PRO A 236 -7.26 11.39 -11.72
CA PRO A 236 -7.80 10.17 -11.12
C PRO A 236 -9.05 9.70 -11.87
N LYS A 237 -9.22 8.38 -11.98
CA LYS A 237 -10.31 7.80 -12.76
C LYS A 237 -11.68 8.07 -12.14
N ILE A 238 -11.70 8.36 -10.84
CA ILE A 238 -12.94 8.71 -10.15
C ILE A 238 -12.73 9.97 -9.32
N LYS A 239 -13.67 10.90 -9.39
CA LYS A 239 -13.57 12.14 -8.63
C LYS A 239 -14.64 12.25 -7.55
N GLN A 240 -14.53 11.36 -6.57
CA GLN A 240 -15.39 11.37 -5.40
C GLN A 240 -14.51 11.20 -4.17
N PRO A 241 -15.03 11.56 -3.00
CA PRO A 241 -14.31 11.33 -1.74
C PRO A 241 -13.86 9.88 -1.61
N PHE A 242 -12.63 9.68 -1.12
CA PHE A 242 -12.01 8.37 -0.95
C PHE A 242 -12.90 7.41 -0.17
N LYS A 243 -13.48 7.88 0.92
CA LYS A 243 -14.29 7.05 1.80
C LYS A 243 -15.58 6.63 1.11
N LEU A 244 -16.05 7.44 0.17
CA LEU A 244 -17.23 7.08 -0.61
C LEU A 244 -16.87 5.97 -1.59
N VAL A 245 -15.78 6.19 -2.32
CA VAL A 245 -15.29 5.19 -3.28
C VAL A 245 -15.00 3.89 -2.56
N GLU A 246 -14.36 3.99 -1.39
CA GLU A 246 -14.01 2.81 -0.60
C GLU A 246 -15.25 2.00 -0.22
N LYS A 247 -16.32 2.69 0.18
CA LYS A 247 -17.53 2.00 0.62
C LYS A 247 -18.25 1.29 -0.53
N VAL A 248 -18.32 1.93 -1.69
CA VAL A 248 -18.96 1.33 -2.85
C VAL A 248 -18.16 0.12 -3.33
N VAL A 249 -16.85 0.27 -3.41
CA VAL A 249 -15.97 -0.81 -3.83
C VAL A 249 -16.01 -1.98 -2.85
N GLN A 250 -15.99 -1.68 -1.56
CA GLN A 250 -16.03 -2.71 -0.53
C GLN A 250 -17.33 -3.52 -0.61
N ASN A 251 -18.44 -2.82 -0.79
CA ASN A 251 -19.74 -3.48 -0.87
C ASN A 251 -19.91 -4.27 -2.17
N ALA A 252 -19.28 -3.78 -3.23
CA ALA A 252 -19.39 -4.45 -4.53
C ALA A 252 -18.70 -5.81 -4.53
N PHE A 253 -17.62 -5.94 -3.75
CA PHE A 253 -16.77 -7.13 -3.79
C PHE A 253 -17.00 -8.14 -2.67
N GLN A 254 -17.95 -7.88 -1.78
CA GLN A 254 -18.14 -8.74 -0.61
C GLN A 254 -18.64 -10.16 -0.93
N PHE A 255 -19.51 -10.27 -1.94
CA PHE A 255 -19.97 -11.58 -2.39
C PHE A 255 -19.46 -11.84 -3.81
N ARG A 256 -18.32 -12.53 -3.90
CA ARG A 256 -17.63 -12.68 -5.19
C ARG A 256 -18.32 -13.58 -6.21
N ARG A 257 -19.07 -14.57 -5.73
CA ARG A 257 -19.70 -15.52 -6.63
C ARG A 257 -21.13 -15.11 -7.03
N LYS A 258 -21.60 -14.01 -6.45
CA LYS A 258 -22.97 -13.57 -6.70
C LYS A 258 -23.01 -12.40 -7.67
N TYR A 259 -24.21 -12.09 -8.16
CA TYR A 259 -24.43 -10.89 -8.97
C TYR A 259 -24.00 -9.67 -8.16
N CYS A 260 -23.43 -8.67 -8.83
CA CYS A 260 -22.96 -7.47 -8.13
C CYS A 260 -24.11 -6.72 -7.47
N HIS A 261 -25.32 -7.00 -7.93
CA HIS A 261 -26.54 -6.44 -7.37
C HIS A 261 -26.69 -6.82 -5.90
N ARG A 262 -26.26 -8.03 -5.56
CA ARG A 262 -26.35 -8.53 -4.18
C ARG A 262 -25.47 -7.71 -3.26
N GLY A 263 -24.25 -7.41 -3.70
CA GLY A 263 -23.30 -6.68 -2.88
C GLY A 263 -23.61 -5.20 -2.78
N LEU A 264 -23.87 -4.59 -3.93
CA LEU A 264 -24.20 -3.17 -3.98
C LEU A 264 -25.49 -2.87 -3.24
N GLY A 265 -26.36 -3.87 -3.13
CA GLY A 265 -27.62 -3.72 -2.43
C GLY A 265 -27.44 -3.45 -0.95
N MSE A 266 -26.29 -3.82 -0.41
CA MSE A 266 -26.01 -3.63 1.01
C MSE A 266 -25.76 -2.16 1.36
O MSE A 266 -25.64 -1.80 2.53
CB MSE A 266 -24.83 -4.49 1.46
CG MSE A 266 -25.05 -5.99 1.30
SE MSE A 266 -26.75 -6.60 2.05
CE MSE A 266 -27.78 -6.74 0.40
N LEU A 267 -25.67 -1.31 0.34
CA LEU A 267 -25.53 0.13 0.55
C LEU A 267 -26.84 0.75 1.00
N PHE A 268 -27.95 0.05 0.79
CA PHE A 268 -29.27 0.61 1.05
C PHE A 268 -30.03 -0.16 2.12
N PRO A 269 -30.80 0.58 2.95
CA PRO A 269 -31.70 -0.02 3.94
C PRO A 269 -32.68 -0.99 3.26
N GLU A 270 -33.07 -2.03 3.99
CA GLU A 270 -33.91 -3.09 3.43
C GLU A 270 -35.23 -2.59 2.86
N ALA A 271 -35.80 -1.55 3.47
CA ALA A 271 -37.10 -1.03 3.06
C ALA A 271 -37.06 -0.35 1.69
N GLN A 272 -35.86 -0.01 1.22
CA GLN A 272 -35.71 0.64 -0.07
C GLN A 272 -34.74 -0.09 -0.98
N ARG A 273 -34.25 -1.24 -0.51
CA ARG A 273 -33.16 -1.95 -1.20
C ARG A 273 -33.49 -2.38 -2.63
N LEU A 274 -34.66 -2.98 -2.84
CA LEU A 274 -35.06 -3.44 -4.16
CA LEU A 274 -35.03 -3.44 -4.17
C LEU A 274 -35.08 -2.29 -5.17
N GLU A 275 -35.77 -1.22 -4.81
CA GLU A 275 -35.93 -0.07 -5.69
C GLU A 275 -34.62 0.71 -5.88
N SER A 276 -33.92 0.98 -4.78
CA SER A 276 -32.70 1.79 -4.82
C SER A 276 -31.53 1.10 -5.51
N THR A 277 -31.39 -0.21 -5.32
CA THR A 277 -30.31 -0.95 -5.95
C THR A 277 -30.54 -1.06 -7.44
N GLY A 278 -31.79 -1.25 -7.83
CA GLY A 278 -32.16 -1.29 -9.23
C GLY A 278 -31.92 0.06 -9.88
N ARG A 279 -32.29 1.12 -9.17
CA ARG A 279 -32.10 2.47 -9.66
C ARG A 279 -30.62 2.83 -9.78
N LEU A 280 -29.82 2.37 -8.82
CA LEU A 280 -28.38 2.62 -8.83
C LEU A 280 -27.71 2.04 -10.07
N LEU A 281 -28.04 0.80 -10.40
CA LEU A 281 -27.44 0.11 -11.53
CA LEU A 281 -27.42 0.14 -11.53
C LEU A 281 -28.00 0.62 -12.86
N GLN A 282 -29.26 1.05 -12.83
CA GLN A 282 -29.91 1.57 -14.02
C GLN A 282 -29.29 2.91 -14.41
N LEU A 283 -29.20 3.83 -13.45
CA LEU A 283 -28.60 5.13 -13.69
C LEU A 283 -27.13 5.02 -14.03
N ALA A 284 -26.46 4.02 -13.46
CA ALA A 284 -25.04 3.81 -13.73
C ALA A 284 -24.84 3.00 -15.01
N ASP A 285 -25.95 2.54 -15.59
CA ASP A 285 -25.93 1.78 -16.84
C ASP A 285 -25.06 0.53 -16.74
N ILE A 286 -25.35 -0.31 -15.74
CA ILE A 286 -24.57 -1.52 -15.52
C ILE A 286 -25.46 -2.76 -15.40
N ASP A 287 -25.04 -3.84 -16.05
CA ASP A 287 -25.74 -5.11 -15.99
C ASP A 287 -25.74 -5.65 -14.55
N PRO A 288 -26.94 -5.81 -13.97
CA PRO A 288 -27.11 -6.29 -12.60
C PRO A 288 -26.58 -7.71 -12.36
N THR A 289 -26.32 -8.44 -13.44
CA THR A 289 -25.90 -9.83 -13.33
C THR A 289 -24.39 -10.00 -13.44
N LEU A 290 -23.69 -8.90 -13.65
CA LEU A 290 -22.22 -8.93 -13.70
C LEU A 290 -21.66 -9.33 -12.34
N ARG A 291 -20.76 -10.31 -12.35
CA ARG A 291 -20.01 -10.63 -11.14
C ARG A 291 -19.03 -9.49 -10.89
N PRO A 292 -18.75 -9.19 -9.60
CA PRO A 292 -17.91 -8.06 -9.20
C PRO A 292 -16.57 -7.99 -9.95
N THR A 293 -16.03 -9.14 -10.32
CA THR A 293 -14.74 -9.20 -11.00
C THR A 293 -14.75 -8.51 -12.37
N HIS A 294 -15.95 -8.33 -12.92
CA HIS A 294 -16.08 -7.71 -14.24
C HIS A 294 -16.37 -6.21 -14.16
N LEU A 295 -16.43 -5.69 -12.94
CA LEU A 295 -16.64 -4.26 -12.76
C LEU A 295 -15.35 -3.48 -12.98
N SER A 296 -15.34 -2.64 -14.01
CA SER A 296 -14.15 -1.88 -14.35
C SER A 296 -14.07 -0.56 -13.59
N LEU A 297 -12.96 0.16 -13.76
CA LEU A 297 -12.78 1.46 -13.15
C LEU A 297 -13.85 2.44 -13.60
N MSE A 298 -14.25 2.32 -14.86
CA MSE A 298 -15.29 3.19 -15.41
C MSE A 298 -16.67 2.82 -14.91
O MSE A 298 -17.55 3.67 -14.78
CB MSE A 298 -15.25 3.19 -16.94
CG MSE A 298 -14.08 3.96 -17.53
SE MSE A 298 -14.12 5.84 -17.04
CE MSE A 298 -12.53 5.91 -15.91
N HIS A 299 -16.87 1.53 -14.62
CA HIS A 299 -18.11 1.08 -14.00
C HIS A 299 -18.24 1.70 -12.62
N PHE A 300 -17.15 1.68 -11.86
CA PHE A 300 -17.15 2.22 -10.51
C PHE A 300 -17.27 3.74 -10.50
N LYS A 301 -16.78 4.39 -11.54
CA LYS A 301 -16.95 5.84 -11.66
C LYS A 301 -18.42 6.18 -11.78
N SER A 302 -19.14 5.38 -12.57
CA SER A 302 -20.57 5.57 -12.74
C SER A 302 -21.34 5.28 -11.45
N LEU A 303 -20.99 4.18 -10.80
CA LEU A 303 -21.60 3.80 -9.53
C LEU A 303 -21.38 4.87 -8.47
N CYS A 304 -20.13 5.34 -8.37
CA CYS A 304 -19.77 6.33 -7.36
C CYS A 304 -20.44 7.67 -7.61
N ASP A 305 -20.54 8.08 -8.87
CA ASP A 305 -21.17 9.36 -9.20
C ASP A 305 -22.66 9.33 -8.91
N VAL A 306 -23.32 8.21 -9.24
CA VAL A 306 -24.74 8.06 -8.95
C VAL A 306 -24.98 7.99 -7.45
N TYR A 307 -24.21 7.14 -6.78
CA TYR A 307 -24.31 6.97 -5.33
C TYR A 307 -24.07 8.29 -4.60
N ARG A 308 -23.20 9.13 -5.16
N ARG A 308 -23.20 9.13 -5.16
CA ARG A 308 -22.93 10.44 -4.61
CA ARG A 308 -22.94 10.45 -4.58
C ARG A 308 -24.17 11.33 -4.63
C ARG A 308 -24.19 11.32 -4.62
N LYS A 309 -24.86 11.33 -5.76
CA LYS A 309 -26.08 12.12 -5.92
C LYS A 309 -27.16 11.61 -4.99
N MSE A 310 -27.22 10.29 -4.80
CA MSE A 310 -28.16 9.68 -3.89
C MSE A 310 -27.88 10.09 -2.45
O MSE A 310 -28.81 10.35 -1.67
CB MSE A 310 -28.12 8.15 -4.01
CG MSE A 310 -28.69 7.64 -5.31
SE MSE A 310 -28.58 5.71 -5.45
CE MSE A 310 -29.77 5.43 -6.96
N CYS A 311 -26.61 10.17 -2.09
CA CYS A 311 -26.20 10.59 -0.75
C CYS A 311 -26.54 12.06 -0.51
N ASP A 312 -26.33 12.88 -1.52
CA ASP A 312 -26.63 14.31 -1.43
C ASP A 312 -28.14 14.54 -1.25
N GLU A 313 -28.94 13.62 -1.79
CA GLU A 313 -30.39 13.72 -1.69
C GLU A 313 -30.88 13.15 -0.37
N ASP A 314 -30.21 12.11 0.11
CA ASP A 314 -30.58 11.45 1.36
C ASP A 314 -29.36 11.35 2.28
N PRO A 315 -29.25 12.28 3.24
CA PRO A 315 -28.09 12.37 4.14
C PRO A 315 -27.98 11.19 5.11
N GLN A 316 -29.03 10.37 5.20
CA GLN A 316 -28.98 9.18 6.05
C GLN A 316 -28.23 8.04 5.37
N LEU A 317 -28.09 8.16 4.06
CA LEU A 317 -27.59 7.05 3.24
C LEU A 317 -26.13 6.70 3.50
N PHE A 318 -25.27 7.70 3.58
CA PHE A 318 -23.83 7.46 3.62
C PHE A 318 -23.35 6.75 4.89
N THR A 319 -24.04 6.95 6.00
CA THR A 319 -23.64 6.32 7.25
C THR A 319 -24.48 5.08 7.55
N TYR A 320 -25.22 4.61 6.57
CA TYR A 320 -25.99 3.38 6.74
C TYR A 320 -25.08 2.16 6.74
N ASN A 321 -25.28 1.30 7.72
CA ASN A 321 -24.56 0.03 7.80
C ASN A 321 -25.53 -1.14 7.92
N PHE A 322 -25.50 -2.04 6.95
CA PHE A 322 -26.47 -3.13 6.87
C PHE A 322 -26.36 -4.12 8.04
N ARG A 323 -25.19 -4.19 8.65
CA ARG A 323 -24.98 -5.09 9.79
C ARG A 323 -25.78 -4.62 10.99
N GLU A 324 -25.75 -3.31 11.25
CA GLU A 324 -26.51 -2.73 12.36
C GLU A 324 -28.01 -2.94 12.17
N GLU A 325 -28.47 -2.91 10.92
CA GLU A 325 -29.88 -3.14 10.64
C GLU A 325 -30.26 -4.60 10.86
N LEU A 326 -29.31 -5.50 10.59
CA LEU A 326 -29.54 -6.93 10.80
C LEU A 326 -29.46 -7.31 12.27
N LYS A 327 -29.41 -6.31 13.14
CA LYS A 327 -29.35 -6.53 14.58
C LYS A 327 -30.33 -5.61 15.31
N SAM B . 13.98 -4.12 3.91
CA SAM B . 14.91 -4.42 5.00
C SAM B . 15.56 -5.79 4.83
O SAM B . 16.79 -5.91 4.84
OXT SAM B . 14.88 -6.81 4.66
CB SAM B . 14.19 -4.36 6.34
CG SAM B . 12.84 -5.06 6.33
SD SAM B . 12.42 -5.84 7.91
CE SAM B . 11.40 -7.19 7.26
C5' SAM B . 11.12 -4.71 8.45
C4' SAM B . 11.67 -3.55 9.27
O4' SAM B . 10.70 -2.53 9.30
C3' SAM B . 11.93 -3.97 10.71
O3' SAM B . 13.29 -3.75 10.99
C2' SAM B . 11.05 -3.08 11.56
O2' SAM B . 11.81 -2.46 12.56
C1' SAM B . 10.54 -2.03 10.60
N9 SAM B . 9.13 -1.70 10.88
C8 SAM B . 8.09 -2.58 11.07
N7 SAM B . 6.96 -1.86 11.29
C5 SAM B . 7.27 -0.54 11.24
C6 SAM B . 6.50 0.61 11.39
N6 SAM B . 5.19 0.53 11.65
N1 SAM B . 7.11 1.84 11.27
C2 SAM B . 8.46 1.93 11.01
N3 SAM B . 9.21 0.78 10.86
C4 SAM B . 8.63 -0.43 10.97
C ACT C . -26.40 -14.96 -7.97
O ACT C . -27.21 -15.35 -7.10
OXT ACT C . -26.01 -13.78 -7.86
CH3 ACT C . -25.94 -15.85 -9.09
#